data_8SE6
#
_entry.id   8SE6
#
_cell.length_a   100.041
_cell.length_b   43.483
_cell.length_c   64.188
_cell.angle_alpha   90.00
_cell.angle_beta   102.87
_cell.angle_gamma   90.00
#
_symmetry.space_group_name_H-M   'C 1 2 1'
#
loop_
_entity.id
_entity.type
_entity.pdbx_description
1 polymer 'NKG2-D type II integral membrane protein'
2 non-polymer 'TRIETHYLENE GLYCOL'
3 non-polymer "N-[(1S)-2-(dimethylamino)-2-oxo-1-{3-[3-(2,2,2-trifluoroethyl)azetidin-1-yl]phenyl}ethyl]-4'-(trifluoromethyl)[1,1'-biphenyl]-2-carboxamide"
4 non-polymer 'TETRAETHYLENE GLYCOL'
5 water water
#
_entity_poly.entity_id   1
_entity_poly.type   'polypeptide(L)'
_entity_poly.pdbx_seq_one_letter_code
;MGPLTESYCGPCPKNWICYKNNCYQFFDEEKNWYESQASCMSQNASLLKVYSKEDQDLLKLVKSYHWMGLVHIPTNGSWQ
WEDGSSLSPNLLTIIEMQKGDCALYASSFKGYIENCSTPNTYICMQRTV
;
_entity_poly.pdbx_strand_id   A,B
#
loop_
_chem_comp.id
_chem_comp.type
_chem_comp.name
_chem_comp.formula
PG4 non-polymer 'TETRAETHYLENE GLYCOL' 'C8 H18 O5'
PGE non-polymer 'TRIETHYLENE GLYCOL' 'C6 H14 O4'
ZWA non-polymer N-[(1S)-2-(dimethylamino)-2-oxo-1-{3-[3-(2,2,2-trifluoroethyl)azetidin-1-yl]phenyl}ethyl]-4'-(trifluoromethyl)[1,1'-biphenyl]-2-carboxamide 'C29 H27 F6 N3 O2'
#
# COMPACT_ATOMS: atom_id res chain seq x y z
N THR A 5 -7.76 4.88 -18.48
CA THR A 5 -7.15 6.16 -18.81
C THR A 5 -5.96 6.44 -17.89
N GLU A 6 -4.84 6.85 -18.48
CA GLU A 6 -3.59 7.01 -17.74
C GLU A 6 -3.39 8.47 -17.34
N SER A 7 -2.60 8.65 -16.28
CA SER A 7 -2.22 9.98 -15.83
C SER A 7 -1.01 9.85 -14.94
N TYR A 8 -0.27 10.94 -14.78
CA TYR A 8 0.83 10.96 -13.85
C TYR A 8 0.32 11.25 -12.45
N CYS A 9 1.08 10.78 -11.46
CA CYS A 9 0.72 10.90 -10.06
C CYS A 9 1.83 11.67 -9.35
N GLY A 10 1.47 12.73 -8.64
CA GLY A 10 2.43 13.44 -7.84
C GLY A 10 2.25 14.93 -7.97
N PRO A 11 3.35 15.68 -7.77
CA PRO A 11 4.68 15.12 -7.51
C PRO A 11 4.82 14.56 -6.09
N CYS A 12 5.72 13.59 -5.91
CA CYS A 12 5.99 12.95 -4.64
C CYS A 12 7.47 12.68 -4.51
N PRO A 13 7.97 12.55 -3.29
CA PRO A 13 9.32 11.99 -3.11
C PRO A 13 9.39 10.60 -3.71
N LYS A 14 10.54 10.27 -4.31
CA LYS A 14 10.66 9.02 -5.06
C LYS A 14 10.41 7.81 -4.18
N ASN A 15 10.71 7.90 -2.88
CA ASN A 15 10.58 6.79 -1.97
C ASN A 15 9.23 6.71 -1.27
N TRP A 16 8.26 7.56 -1.63
CA TRP A 16 6.91 7.51 -1.09
C TRP A 16 5.93 6.92 -2.12
N ILE A 17 4.85 6.32 -1.64
CA ILE A 17 3.82 5.85 -2.56
C ILE A 17 2.93 7.01 -2.96
N CYS A 18 2.47 7.00 -4.21
CA CYS A 18 1.57 8.02 -4.73
C CYS A 18 0.23 7.38 -5.08
N TYR A 19 -0.84 8.04 -4.67
CA TYR A 19 -2.18 7.59 -5.02
C TYR A 19 -3.06 8.81 -5.20
N LYS A 20 -3.60 8.98 -6.40
CA LYS A 20 -4.49 10.09 -6.72
C LYS A 20 -3.89 11.43 -6.29
N ASN A 21 -2.58 11.55 -6.52
CA ASN A 21 -1.75 12.76 -6.37
C ASN A 21 -1.40 13.08 -4.92
N ASN A 22 -1.84 12.29 -3.96
CA ASN A 22 -1.34 12.38 -2.59
C ASN A 22 -0.21 11.38 -2.40
N CYS A 23 0.74 11.74 -1.53
CA CYS A 23 1.95 10.97 -1.27
C CYS A 23 1.90 10.44 0.15
N TYR A 24 2.19 9.14 0.33
CA TYR A 24 2.07 8.53 1.64
C TYR A 24 3.34 7.77 1.99
N GLN A 25 3.71 7.79 3.27
CA GLN A 25 4.78 6.94 3.76
C GLN A 25 4.43 6.40 5.13
N PHE A 26 4.84 5.17 5.39
CA PHE A 26 4.59 4.48 6.63
C PHE A 26 5.85 4.49 7.47
N PHE A 27 5.71 4.75 8.76
CA PHE A 27 6.83 4.79 9.68
C PHE A 27 6.57 3.80 10.82
N ASP A 28 7.43 2.78 10.91
CA ASP A 28 7.24 1.74 11.90
C ASP A 28 8.00 1.98 13.21
N GLU A 29 8.84 3.00 13.27
CA GLU A 29 9.50 3.37 14.52
C GLU A 29 8.51 4.20 15.34
N GLU A 30 8.05 3.64 16.45
CA GLU A 30 6.89 4.19 17.14
C GLU A 30 7.21 5.48 17.87
N LYS A 31 6.28 6.43 17.80
CA LYS A 31 6.42 7.73 18.42
C LYS A 31 5.06 8.16 18.93
N ASN A 32 5.05 9.03 19.94
CA ASN A 32 3.78 9.60 20.37
C ASN A 32 3.23 10.51 19.27
N TRP A 33 2.01 11.02 19.47
CA TRP A 33 1.37 11.75 18.39
C TRP A 33 2.17 13.00 18.04
N TYR A 34 2.63 13.73 19.06
CA TYR A 34 3.35 14.97 18.82
C TYR A 34 4.66 14.70 18.09
N GLU A 35 5.38 13.67 18.53
CA GLU A 35 6.66 13.35 17.88
C GLU A 35 6.44 12.83 16.47
N SER A 36 5.33 12.14 16.23
CA SER A 36 5.01 11.70 14.88
C SER A 36 4.73 12.90 13.96
N GLN A 37 3.95 13.86 14.47
CA GLN A 37 3.69 15.06 13.66
C GLN A 37 4.98 15.81 13.38
N ALA A 38 5.86 15.92 14.37
CA ALA A 38 7.14 16.60 14.15
C ALA A 38 7.98 15.86 13.11
N SER A 39 7.93 14.53 13.12
CA SER A 39 8.64 13.75 12.11
C SER A 39 8.11 14.05 10.72
N CYS A 40 6.79 14.01 10.54
CA CYS A 40 6.24 14.34 9.23
C CYS A 40 6.63 15.76 8.82
N MET A 41 6.56 16.70 9.75
CA MET A 41 6.89 18.09 9.43
C MET A 41 8.35 18.22 8.99
N SER A 42 9.26 17.45 9.60
CA SER A 42 10.66 17.49 9.19
C SER A 42 10.85 16.97 7.77
N GLN A 43 9.86 16.26 7.22
CA GLN A 43 9.91 15.78 5.85
C GLN A 43 8.98 16.58 4.94
N ASN A 44 8.68 17.83 5.34
CA ASN A 44 7.79 18.70 4.58
C ASN A 44 6.42 18.07 4.37
N ALA A 45 5.92 17.39 5.41
CA ALA A 45 4.68 16.65 5.31
C ALA A 45 3.90 16.83 6.62
N SER A 46 2.74 16.22 6.69
CA SER A 46 1.97 16.20 7.93
C SER A 46 1.47 14.78 8.15
N LEU A 47 0.92 14.52 9.33
CA LEU A 47 0.28 13.23 9.56
C LEU A 47 -0.92 13.09 8.63
N LEU A 48 -1.24 11.83 8.29
CA LEU A 48 -2.36 11.51 7.43
C LEU A 48 -3.59 12.37 7.74
N LYS A 49 -4.15 12.98 6.70
CA LYS A 49 -5.43 13.67 6.78
C LYS A 49 -6.44 12.94 5.89
N VAL A 50 -7.57 12.56 6.47
CA VAL A 50 -8.63 11.87 5.73
C VAL A 50 -9.67 12.89 5.34
N TYR A 51 -9.83 13.13 4.04
CA TYR A 51 -10.76 14.13 3.54
C TYR A 51 -11.71 13.62 2.47
N SER A 52 -11.47 12.44 1.90
CA SER A 52 -12.32 11.92 0.82
C SER A 52 -12.24 10.40 0.81
N LYS A 53 -13.39 9.74 0.95
CA LYS A 53 -13.42 8.30 0.74
C LYS A 53 -13.07 7.95 -0.70
N GLU A 54 -13.46 8.79 -1.65
CA GLU A 54 -13.26 8.49 -3.07
C GLU A 54 -11.80 8.67 -3.50
N ASP A 55 -11.19 9.79 -3.10
CA ASP A 55 -9.81 10.08 -3.46
C ASP A 55 -8.80 9.31 -2.62
N GLN A 56 -9.22 8.76 -1.49
CA GLN A 56 -8.32 8.03 -0.60
C GLN A 56 -8.85 6.63 -0.32
N ASP A 57 -9.52 6.03 -1.31
CA ASP A 57 -10.08 4.69 -1.09
C ASP A 57 -9.01 3.64 -0.83
N LEU A 58 -7.75 3.88 -1.23
CA LEU A 58 -6.66 2.98 -0.87
C LEU A 58 -6.57 2.75 0.64
N LEU A 59 -7.05 3.70 1.45
CA LEU A 59 -6.99 3.54 2.89
C LEU A 59 -7.79 2.35 3.38
N LYS A 60 -8.71 1.81 2.56
CA LYS A 60 -9.39 0.59 2.97
C LYS A 60 -8.41 -0.56 3.18
N LEU A 61 -7.25 -0.49 2.53
CA LEU A 61 -6.28 -1.58 2.58
C LEU A 61 -5.22 -1.37 3.65
N VAL A 62 -5.28 -0.26 4.37
CA VAL A 62 -4.27 0.10 5.36
C VAL A 62 -4.69 -0.50 6.69
N LYS A 63 -3.93 -1.48 7.14
CA LYS A 63 -4.26 -2.25 8.33
C LYS A 63 -3.47 -1.76 9.54
N SER A 64 -3.53 -2.54 10.60
CA SER A 64 -2.95 -2.10 11.89
C SER A 64 -3.55 -0.75 12.27
N TYR A 65 -2.81 0.02 13.08
CA TYR A 65 -3.33 1.24 13.69
C TYR A 65 -2.20 2.25 13.65
N HIS A 66 -2.41 3.37 12.98
CA HIS A 66 -1.37 4.34 12.74
C HIS A 66 -1.85 5.73 13.12
N TRP A 67 -0.99 6.54 13.72
CA TRP A 67 -1.37 7.92 13.99
C TRP A 67 -1.79 8.61 12.70
N MET A 68 -2.89 9.35 12.79
CA MET A 68 -3.31 10.33 11.80
C MET A 68 -3.43 11.68 12.49
N GLY A 69 -3.64 12.74 11.70
CA GLY A 69 -3.56 14.10 12.24
C GLY A 69 -4.81 14.64 12.91
N LEU A 70 -5.64 13.75 13.45
CA LEU A 70 -6.93 14.12 14.02
C LEU A 70 -6.83 14.29 15.53
N VAL A 71 -7.25 15.45 16.02
CA VAL A 71 -7.11 15.82 17.42
C VAL A 71 -8.44 16.36 17.94
N HIS A 72 -8.65 16.22 19.24
CA HIS A 72 -9.83 16.78 19.88
C HIS A 72 -9.38 17.88 20.83
N ILE A 73 -9.92 19.08 20.62
CA ILE A 73 -9.76 20.19 21.57
C ILE A 73 -10.97 20.16 22.50
N PRO A 74 -10.79 19.85 23.79
CA PRO A 74 -11.93 19.84 24.73
C PRO A 74 -12.07 21.20 25.42
N TRP A 79 -13.63 17.28 16.87
CA TRP A 79 -12.42 16.74 16.25
C TRP A 79 -11.98 17.59 15.05
N GLN A 80 -10.67 17.83 14.94
CA GLN A 80 -10.13 18.63 13.85
C GLN A 80 -8.75 18.12 13.46
N TRP A 81 -8.28 18.55 12.29
CA TRP A 81 -6.99 18.15 11.76
C TRP A 81 -5.88 19.10 12.20
N GLU A 82 -4.64 18.66 12.02
CA GLU A 82 -3.48 19.44 12.42
C GLU A 82 -3.53 20.84 11.84
N ASP A 83 -3.97 20.97 10.59
CA ASP A 83 -3.98 22.27 9.93
C ASP A 83 -5.11 23.18 10.42
N GLY A 84 -5.91 22.75 11.39
CA GLY A 84 -7.02 23.52 11.88
C GLY A 84 -8.31 23.33 11.12
N SER A 85 -8.30 22.56 10.03
CA SER A 85 -9.51 22.33 9.25
C SER A 85 -10.41 21.32 9.95
N SER A 86 -11.69 21.39 9.62
CA SER A 86 -12.70 20.58 10.29
C SER A 86 -12.76 19.18 9.69
N LEU A 87 -13.13 18.21 10.53
CA LEU A 87 -13.45 16.88 10.06
C LEU A 87 -14.77 16.92 9.31
N SER A 88 -14.75 16.46 8.06
CA SER A 88 -15.98 16.43 7.28
C SER A 88 -16.86 15.28 7.76
N PRO A 89 -18.17 15.47 7.76
CA PRO A 89 -19.07 14.38 8.15
C PRO A 89 -19.00 13.24 7.15
N ASN A 90 -19.38 12.05 7.62
CA ASN A 90 -19.52 10.86 6.77
C ASN A 90 -18.18 10.37 6.22
N LEU A 91 -17.10 10.54 6.98
CA LEU A 91 -15.78 10.08 6.57
C LEU A 91 -15.24 8.98 7.46
N LEU A 92 -15.33 9.14 8.78
CA LEU A 92 -14.70 8.23 9.73
C LEU A 92 -15.68 7.82 10.81
N THR A 93 -15.58 6.56 11.24
CA THR A 93 -16.27 6.05 12.42
C THR A 93 -15.30 6.07 13.59
N ILE A 94 -15.59 6.88 14.60
CA ILE A 94 -14.68 7.12 15.73
C ILE A 94 -15.11 6.27 16.90
N ILE A 95 -14.19 5.43 17.39
CA ILE A 95 -14.46 4.46 18.45
C ILE A 95 -13.45 4.68 19.56
N GLU A 96 -13.92 4.63 20.80
CA GLU A 96 -13.04 4.81 21.95
C GLU A 96 -12.15 3.59 22.15
N MET A 97 -10.91 3.82 22.57
CA MET A 97 -10.01 2.72 22.89
C MET A 97 -9.31 3.05 24.20
N GLN A 98 -8.49 4.09 24.18
CA GLN A 98 -7.76 4.58 25.33
C GLN A 98 -8.19 6.03 25.51
N LYS A 99 -8.43 6.43 26.76
CA LYS A 99 -8.83 7.82 26.99
C LYS A 99 -7.76 8.75 26.44
N GLY A 100 -8.18 9.72 25.64
CA GLY A 100 -7.21 10.62 25.04
C GLY A 100 -7.85 11.56 24.05
N ASP A 101 -7.01 12.42 23.47
CA ASP A 101 -7.43 13.50 22.59
C ASP A 101 -6.89 13.35 21.17
N CYS A 102 -6.31 12.19 20.84
CA CYS A 102 -5.75 11.89 19.52
C CYS A 102 -6.41 10.64 18.94
N ALA A 103 -6.14 10.35 17.67
CA ALA A 103 -6.82 9.24 16.99
C ALA A 103 -5.88 8.48 16.08
N LEU A 104 -6.02 7.15 16.10
CA LEU A 104 -5.31 6.24 15.22
C LEU A 104 -6.23 5.87 14.06
N TYR A 105 -5.70 5.88 12.83
CA TYR A 105 -6.44 5.36 11.68
C TYR A 105 -6.41 3.83 11.72
N ALA A 106 -7.56 3.21 11.45
CA ALA A 106 -7.64 1.77 11.23
C ALA A 106 -8.61 1.49 10.10
N SER A 107 -8.44 0.34 9.45
CA SER A 107 -9.34 -0.06 8.37
C SER A 107 -10.66 -0.54 8.95
N SER A 108 -11.78 -0.14 8.34
CA SER A 108 -11.86 0.69 7.15
C SER A 108 -12.50 2.02 7.50
N PHE A 109 -11.76 3.11 7.29
CA PHE A 109 -12.25 4.45 7.60
C PHE A 109 -12.76 4.54 9.04
N LYS A 110 -11.95 3.99 9.95
CA LYS A 110 -12.19 4.07 11.38
C LYS A 110 -11.12 4.91 12.05
N GLY A 111 -11.50 5.55 13.16
CA GLY A 111 -10.57 6.23 14.04
C GLY A 111 -10.71 5.71 15.44
N TYR A 112 -9.61 5.27 16.05
CA TYR A 112 -9.62 4.79 17.44
C TYR A 112 -9.00 5.86 18.31
N ILE A 113 -9.73 6.30 19.33
CA ILE A 113 -9.22 7.32 20.23
C ILE A 113 -8.12 6.73 21.10
N GLU A 114 -7.05 7.50 21.28
CA GLU A 114 -5.83 7.00 21.87
C GLU A 114 -5.17 8.16 22.62
N ASN A 115 -4.51 7.85 23.73
CA ASN A 115 -3.76 8.87 24.43
C ASN A 115 -2.67 9.40 23.52
N CYS A 116 -2.61 10.72 23.37
CA CYS A 116 -1.61 11.33 22.49
C CYS A 116 -0.18 10.96 22.85
N SER A 117 0.05 10.57 24.10
CA SER A 117 1.40 10.22 24.54
C SER A 117 1.77 8.76 24.31
N THR A 118 0.85 7.94 23.80
CA THR A 118 1.16 6.53 23.58
C THR A 118 1.95 6.37 22.27
N PRO A 119 3.09 5.70 22.30
CA PRO A 119 3.84 5.47 21.06
C PRO A 119 3.05 4.57 20.12
N ASN A 120 3.06 4.94 18.84
CA ASN A 120 2.42 4.16 17.80
C ASN A 120 3.17 4.38 16.50
N THR A 121 2.98 3.47 15.54
CA THR A 121 3.40 3.73 14.16
C THR A 121 2.57 4.87 13.60
N TYR A 122 3.00 5.41 12.46
CA TYR A 122 2.30 6.58 11.93
C TYR A 122 2.45 6.65 10.43
N ILE A 123 1.59 7.47 9.82
CA ILE A 123 1.56 7.66 8.39
C ILE A 123 1.72 9.13 8.13
N CYS A 124 2.70 9.48 7.31
CA CYS A 124 2.85 10.84 6.82
C CYS A 124 2.27 10.99 5.43
N MET A 125 1.82 12.20 5.13
CA MET A 125 1.15 12.51 3.87
C MET A 125 1.65 13.84 3.36
N GLN A 126 1.99 13.88 2.08
CA GLN A 126 2.43 15.08 1.41
C GLN A 126 1.53 15.34 0.20
N ARG A 127 1.33 16.62 -0.10
CA ARG A 127 0.68 16.99 -1.36
C ARG A 127 1.32 18.29 -1.80
N THR A 128 1.81 18.34 -3.04
CA THR A 128 2.43 19.56 -3.55
C THR A 128 1.36 20.37 -4.28
N VAL A 129 1.06 21.55 -3.74
CA VAL A 129 0.17 22.52 -4.38
C VAL A 129 -1.30 22.28 -4.08
N THR B 5 13.63 13.66 -3.56
CA THR B 5 13.19 14.90 -4.19
C THR B 5 11.89 14.68 -4.95
N GLU B 6 11.18 15.77 -5.27
CA GLU B 6 9.83 15.67 -5.81
C GLU B 6 9.88 15.33 -7.30
N SER B 7 9.20 14.27 -7.69
CA SER B 7 9.05 13.95 -9.10
C SER B 7 7.69 13.31 -9.34
N TYR B 8 7.30 13.27 -10.61
CA TYR B 8 6.04 12.67 -11.01
C TYR B 8 6.25 11.18 -11.23
N CYS B 9 5.20 10.41 -10.99
CA CYS B 9 5.24 8.97 -11.02
C CYS B 9 4.24 8.47 -12.07
N GLY B 10 4.66 7.53 -12.91
CA GLY B 10 3.73 6.91 -13.83
C GLY B 10 4.22 6.96 -15.26
N PRO B 11 3.26 6.99 -16.22
CA PRO B 11 1.83 7.12 -15.92
C PRO B 11 1.16 5.84 -15.40
N CYS B 12 0.03 5.99 -14.74
CA CYS B 12 -0.75 4.90 -14.18
C CYS B 12 -2.23 5.22 -14.33
N PRO B 13 -3.07 4.19 -14.30
CA PRO B 13 -4.52 4.46 -14.19
C PRO B 13 -4.82 5.18 -12.88
N LYS B 14 -5.89 5.96 -12.89
CA LYS B 14 -6.15 6.88 -11.79
C LYS B 14 -6.41 6.14 -10.48
N ASN B 15 -6.90 4.91 -10.55
CA ASN B 15 -7.26 4.13 -9.38
C ASN B 15 -6.17 3.18 -8.91
N TRP B 16 -4.95 3.32 -9.43
CA TRP B 16 -3.84 2.43 -9.08
C TRP B 16 -2.80 3.19 -8.27
N ILE B 17 -2.06 2.43 -7.45
CA ILE B 17 -0.95 2.97 -6.68
C ILE B 17 0.25 3.11 -7.61
N CYS B 18 0.95 4.24 -7.55
CA CYS B 18 2.18 4.43 -8.31
C CYS B 18 3.37 4.46 -7.36
N TYR B 19 4.41 3.69 -7.70
CA TYR B 19 5.64 3.70 -6.91
C TYR B 19 6.81 3.48 -7.85
N LYS B 20 7.71 4.46 -7.92
CA LYS B 20 8.91 4.37 -8.75
C LYS B 20 8.56 3.97 -10.19
N ASN B 21 7.52 4.61 -10.72
CA ASN B 21 7.01 4.51 -12.08
C ASN B 21 6.28 3.21 -12.42
N ASN B 22 6.15 2.28 -11.48
CA ASN B 22 5.33 1.09 -11.65
C ASN B 22 3.97 1.31 -11.00
N CYS B 23 2.94 0.68 -11.57
CA CYS B 23 1.56 0.83 -11.13
C CYS B 23 1.07 -0.50 -10.56
N TYR B 24 0.42 -0.45 -9.40
CA TYR B 24 -0.02 -1.66 -8.70
C TYR B 24 -1.47 -1.52 -8.30
N GLN B 25 -2.22 -2.61 -8.41
CA GLN B 25 -3.57 -2.65 -7.89
C GLN B 25 -3.83 -4.00 -7.25
N PHE B 26 -4.42 -3.96 -6.06
CA PHE B 26 -4.76 -5.17 -5.34
C PHE B 26 -6.20 -5.57 -5.64
N PHE B 27 -6.42 -6.87 -5.79
CA PHE B 27 -7.75 -7.42 -6.04
C PHE B 27 -8.12 -8.38 -4.92
N ASP B 28 -9.18 -8.03 -4.19
CA ASP B 28 -9.61 -8.78 -3.00
CA ASP B 28 -9.61 -8.77 -3.00
C ASP B 28 -10.41 -10.03 -3.33
N GLU B 29 -10.90 -10.17 -4.57
CA GLU B 29 -11.72 -11.32 -4.93
C GLU B 29 -10.82 -12.51 -5.22
N GLU B 30 -11.04 -13.62 -4.50
CA GLU B 30 -10.17 -14.78 -4.64
C GLU B 30 -10.39 -15.46 -6.00
N LYS B 31 -9.29 -15.67 -6.73
CA LYS B 31 -9.30 -16.34 -8.01
C LYS B 31 -8.08 -17.25 -8.08
N ASN B 32 -8.17 -18.29 -8.90
CA ASN B 32 -6.99 -19.12 -9.15
C ASN B 32 -5.99 -18.36 -10.01
N TRP B 33 -4.80 -18.93 -10.20
CA TRP B 33 -3.75 -18.17 -10.88
C TRP B 33 -4.19 -17.78 -12.28
N TYR B 34 -4.82 -18.72 -13.00
CA TYR B 34 -5.18 -18.50 -14.40
C TYR B 34 -6.22 -17.38 -14.52
N GLU B 35 -7.22 -17.40 -13.63
CA GLU B 35 -8.26 -16.37 -13.64
C GLU B 35 -7.69 -15.02 -13.21
N SER B 36 -6.71 -15.03 -12.30
CA SER B 36 -6.09 -13.78 -11.88
C SER B 36 -5.29 -13.16 -13.02
N GLN B 37 -4.54 -13.98 -13.76
CA GLN B 37 -3.81 -13.47 -14.90
C GLN B 37 -4.76 -12.90 -15.95
N ALA B 38 -5.87 -13.61 -16.22
CA ALA B 38 -6.85 -13.11 -17.18
C ALA B 38 -7.41 -11.77 -16.73
N SER B 39 -7.70 -11.62 -15.44
CA SER B 39 -8.24 -10.35 -14.96
C SER B 39 -7.23 -9.21 -15.17
N CYS B 40 -5.96 -9.44 -14.82
CA CYS B 40 -4.95 -8.41 -15.07
C CYS B 40 -4.85 -8.08 -16.55
N MET B 41 -4.90 -9.10 -17.43
CA MET B 41 -4.79 -8.83 -18.85
C MET B 41 -5.96 -8.00 -19.36
N SER B 42 -7.15 -8.19 -18.80
CA SER B 42 -8.30 -7.40 -19.22
C SER B 42 -8.13 -5.92 -18.88
N GLN B 43 -7.22 -5.59 -17.97
CA GLN B 43 -6.92 -4.21 -17.60
C GLN B 43 -5.60 -3.75 -18.21
N ASN B 44 -5.17 -4.38 -19.30
CA ASN B 44 -3.91 -4.04 -19.96
C ASN B 44 -2.73 -4.11 -18.99
N ALA B 45 -2.72 -5.16 -18.17
CA ALA B 45 -1.73 -5.33 -17.13
C ALA B 45 -1.33 -6.80 -17.08
N SER B 46 -0.39 -7.09 -16.18
CA SER B 46 0.05 -8.46 -15.88
C SER B 46 0.00 -8.65 -14.36
N LEU B 47 0.16 -9.90 -13.92
CA LEU B 47 0.34 -10.10 -12.49
C LEU B 47 1.68 -9.52 -12.07
N LEU B 48 1.79 -9.20 -10.78
CA LEU B 48 3.03 -8.64 -10.23
C LEU B 48 4.26 -9.34 -10.77
N LYS B 49 5.24 -8.55 -11.22
CA LYS B 49 6.57 -9.05 -11.53
C LYS B 49 7.55 -8.39 -10.56
N VAL B 50 8.38 -9.20 -9.92
CA VAL B 50 9.39 -8.70 -8.99
C VAL B 50 10.74 -8.72 -9.71
N TYR B 51 11.32 -7.54 -9.91
CA TYR B 51 12.59 -7.42 -10.61
C TYR B 51 13.67 -6.67 -9.83
N SER B 52 13.34 -5.95 -8.76
CA SER B 52 14.34 -5.16 -8.06
C SER B 52 13.92 -4.91 -6.62
N LYS B 53 14.79 -5.29 -5.67
CA LYS B 53 14.53 -4.94 -4.27
C LYS B 53 14.58 -3.43 -4.04
N GLU B 54 15.34 -2.71 -4.86
CA GLU B 54 15.45 -1.27 -4.67
C GLU B 54 14.25 -0.54 -5.29
N ASP B 55 13.96 -0.83 -6.56
CA ASP B 55 12.87 -0.16 -7.24
C ASP B 55 11.51 -0.57 -6.70
N GLN B 56 11.45 -1.68 -5.96
CA GLN B 56 10.21 -2.22 -5.45
C GLN B 56 10.29 -2.46 -3.96
N ASP B 57 11.11 -1.66 -3.27
CA ASP B 57 11.38 -1.90 -1.86
C ASP B 57 10.12 -1.94 -1.01
N LEU B 58 9.10 -1.15 -1.36
CA LEU B 58 7.93 -1.13 -0.51
C LEU B 58 7.02 -2.35 -0.68
N LEU B 59 7.39 -3.30 -1.56
CA LEU B 59 6.77 -4.61 -1.48
C LEU B 59 6.98 -5.24 -0.11
N LYS B 60 7.97 -4.78 0.64
CA LYS B 60 8.17 -5.32 1.99
C LYS B 60 7.00 -5.01 2.92
N LEU B 61 6.17 -4.01 2.59
CA LEU B 61 5.05 -3.63 3.42
C LEU B 61 3.76 -4.36 3.06
N VAL B 62 3.76 -5.14 1.98
CA VAL B 62 2.54 -5.85 1.59
C VAL B 62 2.23 -6.92 2.64
N LYS B 63 0.97 -6.96 3.07
CA LYS B 63 0.51 -7.93 4.07
C LYS B 63 -0.21 -9.09 3.36
N SER B 64 -0.19 -10.26 4.00
CA SER B 64 -0.79 -11.48 3.45
C SER B 64 -0.05 -11.94 2.22
N TYR B 65 -0.67 -12.82 1.41
CA TYR B 65 -0.04 -13.40 0.24
C TYR B 65 -1.00 -13.31 -0.95
N HIS B 66 -0.41 -13.14 -2.14
CA HIS B 66 -1.18 -12.75 -3.32
C HIS B 66 -0.50 -13.33 -4.54
N TRP B 67 -1.29 -13.70 -5.54
CA TRP B 67 -0.71 -14.21 -6.77
C TRP B 67 0.21 -13.18 -7.40
N MET B 68 1.35 -13.66 -7.90
CA MET B 68 2.26 -12.91 -8.76
C MET B 68 2.48 -13.73 -10.02
N GLY B 69 3.18 -13.14 -11.00
CA GLY B 69 3.25 -13.76 -12.32
C GLY B 69 4.32 -14.81 -12.53
N LEU B 70 4.74 -15.50 -11.46
CA LEU B 70 5.83 -16.46 -11.54
C LEU B 70 5.28 -17.88 -11.67
N VAL B 71 5.75 -18.62 -12.69
CA VAL B 71 5.19 -19.92 -13.02
C VAL B 71 6.31 -20.89 -13.39
N HIS B 72 6.00 -22.17 -13.26
CA HIS B 72 6.93 -23.25 -13.58
C HIS B 72 6.30 -24.01 -14.73
N ILE B 73 6.96 -23.99 -15.88
CA ILE B 73 6.50 -24.83 -16.98
C ILE B 73 7.62 -25.71 -17.49
N GLY B 77 13.03 -26.49 -17.27
CA GLY B 77 13.37 -25.10 -17.07
C GLY B 77 13.22 -24.68 -15.62
N SER B 78 13.37 -23.37 -15.38
CA SER B 78 13.26 -22.84 -14.04
C SER B 78 11.93 -22.09 -13.92
N TRP B 79 11.76 -21.39 -12.82
CA TRP B 79 10.61 -20.50 -12.70
C TRP B 79 10.82 -19.31 -13.63
N GLN B 80 9.73 -18.85 -14.24
CA GLN B 80 9.79 -17.73 -15.17
C GLN B 80 8.56 -16.85 -14.99
N TRP B 81 8.69 -15.60 -15.43
CA TRP B 81 7.60 -14.65 -15.39
C TRP B 81 6.69 -14.80 -16.61
N GLU B 82 5.52 -14.15 -16.53
CA GLU B 82 4.55 -14.19 -17.64
C GLU B 82 5.20 -13.73 -18.95
N ASP B 83 6.05 -12.71 -18.87
CA ASP B 83 6.65 -12.15 -20.07
C ASP B 83 7.78 -13.01 -20.63
N GLY B 84 8.04 -14.18 -20.05
CA GLY B 84 9.05 -15.07 -20.56
C GLY B 84 10.42 -14.89 -19.94
N SER B 85 10.62 -13.83 -19.17
CA SER B 85 11.92 -13.55 -18.58
C SER B 85 12.18 -14.47 -17.38
N SER B 86 13.45 -14.61 -17.04
CA SER B 86 13.87 -15.42 -15.90
C SER B 86 13.73 -14.64 -14.60
N LEU B 87 13.56 -15.39 -13.51
CA LEU B 87 13.61 -14.79 -12.19
C LEU B 87 15.04 -14.40 -11.85
N SER B 88 15.26 -13.12 -11.54
CA SER B 88 16.60 -12.66 -11.21
C SER B 88 17.05 -13.27 -9.88
N PRO B 89 18.31 -13.65 -9.76
CA PRO B 89 18.77 -14.27 -8.52
C PRO B 89 18.79 -13.26 -7.37
N ASN B 90 18.74 -13.82 -6.15
CA ASN B 90 18.92 -13.05 -4.91
C ASN B 90 17.83 -12.01 -4.71
N LEU B 91 16.64 -12.28 -5.21
CA LEU B 91 15.49 -11.37 -5.09
C LEU B 91 14.39 -11.95 -4.23
N LEU B 92 14.08 -13.23 -4.40
CA LEU B 92 13.01 -13.88 -3.66
C LEU B 92 13.54 -15.13 -2.98
N THR B 93 13.12 -15.34 -1.74
CA THR B 93 13.31 -16.62 -1.05
C THR B 93 12.12 -17.49 -1.41
N ILE B 94 12.36 -18.58 -2.13
CA ILE B 94 11.30 -19.48 -2.57
C ILE B 94 11.06 -20.54 -1.51
N ILE B 95 9.81 -20.71 -1.10
CA ILE B 95 9.43 -21.65 -0.05
C ILE B 95 8.35 -22.58 -0.59
N GLU B 96 8.51 -23.88 -0.35
CA GLU B 96 7.51 -24.85 -0.81
C GLU B 96 6.32 -24.86 0.14
N MET B 97 5.13 -24.58 -0.38
CA MET B 97 3.91 -24.60 0.43
C MET B 97 2.88 -25.62 -0.03
N GLN B 98 2.64 -25.73 -1.34
CA GLN B 98 1.70 -26.70 -1.89
C GLN B 98 2.34 -27.31 -3.15
N LYS B 99 1.81 -28.47 -3.55
CA LYS B 99 2.15 -29.01 -4.86
C LYS B 99 1.59 -28.06 -5.92
N GLY B 100 2.45 -27.47 -6.75
CA GLY B 100 1.94 -26.54 -7.74
C GLY B 100 3.02 -25.96 -8.61
N ASP B 101 2.57 -25.23 -9.64
CA ASP B 101 3.43 -24.65 -10.67
C ASP B 101 3.32 -23.13 -10.71
N CYS B 102 2.72 -22.53 -9.68
CA CYS B 102 2.52 -21.09 -9.58
C CYS B 102 3.07 -20.59 -8.24
N ALA B 103 3.22 -19.27 -8.10
CA ALA B 103 3.79 -18.75 -6.87
C ALA B 103 3.04 -17.53 -6.37
N LEU B 104 2.92 -17.44 -5.05
CA LEU B 104 2.37 -16.28 -4.37
C LEU B 104 3.50 -15.39 -3.88
N TYR B 105 3.30 -14.07 -3.95
CA TYR B 105 4.17 -13.16 -3.22
C TYR B 105 3.76 -13.09 -1.75
N ALA B 106 4.76 -13.05 -0.86
CA ALA B 106 4.56 -12.72 0.54
C ALA B 106 5.77 -11.95 1.06
N SER B 107 5.53 -11.05 2.01
CA SER B 107 6.61 -10.23 2.53
CA SER B 107 6.62 -10.24 2.53
C SER B 107 7.45 -11.03 3.54
N SER B 108 8.75 -10.71 3.60
CA SER B 108 9.42 -9.74 2.75
C SER B 108 10.17 -10.48 1.64
N PHE B 109 9.78 -10.22 0.39
CA PHE B 109 10.44 -10.81 -0.77
C PHE B 109 10.55 -12.34 -0.67
N LYS B 110 9.41 -12.96 -0.37
CA LYS B 110 9.26 -14.41 -0.41
C LYS B 110 8.33 -14.79 -1.57
N GLY B 111 8.59 -15.97 -2.13
CA GLY B 111 7.65 -16.58 -3.05
C GLY B 111 7.23 -17.94 -2.53
N TYR B 112 5.92 -18.18 -2.42
CA TYR B 112 5.39 -19.45 -1.97
C TYR B 112 4.95 -20.28 -3.18
N ILE B 113 5.53 -21.48 -3.32
CA ILE B 113 5.05 -22.38 -4.37
C ILE B 113 3.66 -22.86 -3.99
N GLU B 114 2.71 -22.72 -4.92
CA GLU B 114 1.29 -22.82 -4.62
C GLU B 114 0.58 -23.54 -5.76
N ASN B 115 -0.45 -24.32 -5.44
CA ASN B 115 -1.26 -24.94 -6.48
C ASN B 115 -1.93 -23.84 -7.32
N CYS B 116 -1.74 -23.90 -8.64
CA CYS B 116 -2.28 -22.86 -9.50
C CYS B 116 -3.80 -22.75 -9.40
N SER B 117 -4.48 -23.82 -9.00
CA SER B 117 -5.93 -23.84 -8.89
C SER B 117 -6.45 -23.27 -7.57
N THR B 118 -5.58 -22.96 -6.62
CA THR B 118 -6.08 -22.47 -5.33
C THR B 118 -6.51 -21.02 -5.46
N PRO B 119 -7.74 -20.67 -5.06
CA PRO B 119 -8.14 -19.25 -5.06
C PRO B 119 -7.30 -18.43 -4.09
N ASN B 120 -6.83 -17.28 -4.57
CA ASN B 120 -6.09 -16.34 -3.75
C ASN B 120 -6.39 -14.92 -4.22
N THR B 121 -6.15 -13.94 -3.35
CA THR B 121 -6.13 -12.55 -3.82
C THR B 121 -4.91 -12.35 -4.73
N TYR B 122 -4.91 -11.25 -5.46
CA TYR B 122 -3.85 -11.07 -6.45
C TYR B 122 -3.50 -9.61 -6.63
N ILE B 123 -2.32 -9.37 -7.21
CA ILE B 123 -1.81 -8.03 -7.49
C ILE B 123 -1.53 -7.92 -8.98
N CYS B 124 -2.14 -6.93 -9.62
CA CYS B 124 -1.81 -6.59 -11.00
C CYS B 124 -0.81 -5.43 -11.04
N MET B 125 -0.05 -5.39 -12.12
CA MET B 125 1.02 -4.42 -12.29
C MET B 125 1.03 -3.93 -13.74
N GLN B 126 1.29 -2.64 -13.91
CA GLN B 126 1.40 -2.01 -15.21
C GLN B 126 2.63 -1.12 -15.19
N ARG B 127 3.31 -1.03 -16.32
CA ARG B 127 4.45 -0.13 -16.46
C ARG B 127 4.42 0.49 -17.85
N THR B 128 4.37 1.82 -17.88
CA THR B 128 4.27 2.67 -19.07
C THR B 128 2.96 2.51 -19.83
C1 PGE C . -16.20 -2.60 15.41
O1 PGE C . -15.76 -1.82 14.31
C2 PGE C . -15.42 -3.90 15.45
O2 PGE C . -14.05 -3.61 15.28
C3 PGE C . -13.28 -4.80 15.21
C4 PGE C . -11.81 -4.46 15.36
O4 PGE C . -10.29 -1.83 12.60
C6 PGE C . -9.54 -3.02 12.86
C5 PGE C . -9.97 -3.54 14.23
O3 PGE C . -11.33 -3.92 14.15
C1 PGE D . -9.33 -3.78 22.10
O1 PGE D . -8.60 -3.65 23.31
C2 PGE D . -8.52 -3.11 20.99
O2 PGE D . -9.39 -2.60 20.00
C3 PGE D . -8.70 -2.05 18.89
C4 PGE D . -8.09 -0.72 19.26
O4 PGE D . -4.21 1.10 20.37
C6 PGE D . -5.27 0.15 20.19
C5 PGE D . -6.17 0.63 19.05
O3 PGE D . -6.89 -0.48 18.55
C1 PGE E . -15.97 2.59 3.96
O1 PGE E . -16.99 3.29 3.26
C2 PGE E . -16.33 2.50 5.43
O2 PGE E . -16.46 3.79 5.97
C3 PGE E . -16.60 3.79 7.39
C4 PGE E . -16.97 5.19 7.85
O4 PGE E . -19.96 7.26 5.59
C6 PGE E . -20.07 7.00 6.98
C5 PGE E . -18.68 6.81 7.57
O3 PGE E . -18.16 5.56 7.17
C1 ZWA F . 1.64 -0.95 5.06
C10 ZWA F . -2.67 -5.01 2.31
C11 ZWA F . -3.47 -5.45 3.37
C12 ZWA F . -4.62 -6.19 3.10
C13 ZWA F . -4.95 -6.51 1.79
C14 ZWA F . -4.16 -6.05 0.73
C15 ZWA F . -3.01 -5.30 0.99
C16 ZWA F . -2.28 -4.82 -0.17
C17 ZWA F . -1.90 -5.71 -1.18
C18 ZWA F . -1.23 -5.23 -2.31
C19 ZWA F . -0.94 -3.87 -2.44
C20 ZWA F . -1.33 -2.98 -1.45
C21 ZWA F . -2.00 -3.46 -0.32
C22 ZWA F . -0.23 -3.41 -3.66
C26 ZWA F . -0.33 -1.40 2.69
C27 ZWA F . -1.41 -0.54 2.46
C28 ZWA F . -1.42 0.35 1.38
C29 ZWA F . -0.35 0.36 0.49
C3 ZWA F . 0.25 -0.55 6.98
C30 ZWA F . 0.74 -0.50 0.71
C31 ZWA F . 0.76 -1.36 1.81
C33 ZWA F . 3.05 -1.23 -0.13
C34 ZWA F . 3.44 -0.52 -1.45
C35 ZWA F . 3.60 -1.58 -2.48
C36 ZWA F . 4.04 -1.00 -3.79
C4 ZWA F . -0.66 -1.81 5.16
C40 ZWA F . 2.10 0.23 -1.35
C6 ZWA F . -0.37 -2.38 3.83
C8 ZWA F . -1.44 -4.27 2.60
F23 ZWA F . 0.86 -4.18 -3.95
F24 ZWA F . -1.01 -3.48 -4.78
F25 ZWA F . 0.20 -2.12 -3.58
F37 ZWA F . 3.06 -0.22 -4.29
F38 ZWA F . 4.28 -1.98 -4.69
F39 ZWA F . 5.15 -0.24 -3.61
N2 ZWA F . 0.39 -1.14 5.70
N32 ZWA F . 1.83 -0.48 -0.15
N7 ZWA F . -1.51 -3.25 3.52
O5 ZWA F . -1.73 -1.99 5.71
O9 ZWA F . -0.45 -4.64 2.01
C1 PGE G . 17.97 -13.66 -1.27
O1 PGE G . 18.82 -12.84 -0.47
C2 PGE G . 16.70 -12.89 -1.56
O2 PGE G . 16.24 -12.31 -0.35
C3 PGE G . 14.83 -12.43 -0.19
C4 PGE G . 14.44 -11.73 1.10
O4 PGE G . 16.12 -7.97 1.80
C6 PGE G . 14.71 -8.15 1.76
C5 PGE G . 14.40 -9.59 2.09
O3 PGE G . 14.96 -10.42 1.09
O1 PG4 H . 12.11 -3.55 -16.43
C1 PG4 H . 11.34 -2.40 -16.18
C2 PG4 H . 10.30 -2.76 -15.13
O2 PG4 H . 9.14 -3.20 -15.78
C3 PG4 H . 8.26 -3.97 -15.02
C4 PG4 H . 7.96 -5.30 -15.74
O3 PG4 H . 6.90 -5.17 -16.65
C5 PG4 H . 5.68 -4.70 -16.12
C6 PG4 H . 4.54 -5.65 -16.51
O4 PG4 H . 3.35 -4.95 -16.73
C7 PG4 H . 3.41 -3.98 -17.74
C8 PG4 H . 2.08 -3.86 -18.46
O5 PG4 H . 1.82 -2.49 -18.69
#